data_3LN5
#
_entry.id   3LN5
#
_cell.length_a   50.950
_cell.length_b   82.120
_cell.length_c   110.210
_cell.angle_alpha   90.00
_cell.angle_beta   90.00
_cell.angle_gamma   90.00
#
_symmetry.space_group_name_H-M   'P 21 21 21'
#
loop_
_entity.id
_entity.type
_entity.pdbx_description
1 polymer 'HLA class I histocompatibility antigen, B-41 alpha chain'
2 polymer Beta-2-microglobulin
3 polymer "11-mer peptide from S-methyl-5'-thioadenosine phosphorylase"
4 water water
#
loop_
_entity_poly.entity_id
_entity_poly.type
_entity_poly.pdbx_seq_one_letter_code
_entity_poly.pdbx_strand_id
1 'polypeptide(L)'
;GSHSMRYFHTAMSRPGRGEPRFITVGYVDDTLFVRFDSDATSPRKEPRAPWIEQEGPEYWDRETQISKTNTQTYRESLRN
LRGYYNQSEAGSHTLQSMYGCDLGPDGRLLRGHDQYAYDGKDYIALNEDLRSWTAADTAAQITQRKWEAARVAEQDRAYL
EGTCVEWLRRYLENGKDTLERADPPKTHVTHHPISDHEATLRCWALGFYPAEITLTWQRDGEDQTQDTELVETRPAGDRT
FQKWAAVVVPSGEEQRYTCHVQHEGLPKPLTLRW
;
A
2 'polypeptide(L)'
;IQRTPKIQVYSRHPAENGKSNFLNCYVSGFHPSDIEVDLLKNGERIEKVEHSDLSFSKDWSFYLLYYTEFTPTEKDEYAC
RVNHVTLSQPKIVKWDRDM
;
B
3 'polypeptide(L)' HEEAVSVDRVL C
#
# COMPACT_ATOMS: atom_id res chain seq x y z
N GLY A 1 -10.51 -6.73 15.94
CA GLY A 1 -9.85 -7.67 16.83
C GLY A 1 -8.78 -8.48 16.11
N SER A 2 -8.94 -8.62 14.80
CA SER A 2 -7.98 -9.31 13.95
C SER A 2 -6.83 -8.39 13.56
N HIS A 3 -5.62 -8.94 13.48
CA HIS A 3 -4.44 -8.15 13.21
C HIS A 3 -3.46 -8.97 12.40
N SER A 4 -2.53 -8.30 11.74
CA SER A 4 -1.54 -9.01 10.95
C SER A 4 -0.25 -8.23 10.92
N MET A 5 0.85 -8.95 10.71
CA MET A 5 2.14 -8.33 10.49
C MET A 5 2.62 -8.84 9.15
N ARG A 6 3.25 -7.97 8.39
CA ARG A 6 3.69 -8.34 7.06
C ARG A 6 4.94 -7.57 6.72
N TYR A 7 5.95 -8.28 6.21
CA TYR A 7 7.12 -7.64 5.64
C TYR A 7 7.07 -7.76 4.13
N PHE A 8 7.53 -6.72 3.45
CA PHE A 8 7.47 -6.67 2.01
C PHE A 8 8.87 -6.40 1.54
N HIS A 9 9.38 -7.27 0.65
CA HIS A 9 10.71 -7.09 0.11
C HIS A 9 10.62 -6.78 -1.37
N THR A 10 11.46 -5.88 -1.83
CA THR A 10 11.54 -5.61 -3.27
C THR A 10 13.00 -5.45 -3.66
N ALA A 11 13.41 -6.16 -4.73
CA ALA A 11 14.73 -5.94 -5.31
C ALA A 11 14.52 -5.61 -6.76
N MET A 12 15.24 -4.60 -7.25
CA MET A 12 15.07 -4.14 -8.62
C MET A 12 16.42 -3.97 -9.28
N SER A 13 16.67 -4.74 -10.34
CA SER A 13 17.91 -4.61 -11.09
C SER A 13 17.88 -3.35 -11.97
N ARG A 14 19.06 -2.86 -12.33
CA ARG A 14 19.18 -1.60 -13.06
C ARG A 14 20.51 -1.58 -13.82
N PRO A 15 20.59 -2.37 -14.91
CA PRO A 15 21.83 -2.50 -15.67
C PRO A 15 22.45 -1.14 -16.01
N GLY A 16 23.74 -1.00 -15.76
CA GLY A 16 24.44 0.25 -16.02
C GLY A 16 24.31 1.26 -14.90
N ARG A 17 23.53 0.94 -13.88
CA ARG A 17 23.32 1.90 -12.80
C ARG A 17 23.56 1.27 -11.42
N GLY A 18 24.50 0.34 -11.35
CA GLY A 18 24.88 -0.27 -10.10
C GLY A 18 24.14 -1.58 -9.81
N GLU A 19 24.36 -2.12 -8.61
CA GLU A 19 23.72 -3.36 -8.20
C GLU A 19 22.25 -3.14 -7.88
N PRO A 20 21.44 -4.22 -7.95
CA PRO A 20 20.00 -4.10 -7.65
C PRO A 20 19.72 -3.46 -6.28
N ARG A 21 18.77 -2.53 -6.26
CA ARG A 21 18.36 -1.86 -5.04
C ARG A 21 17.50 -2.83 -4.28
N PHE A 22 17.63 -2.84 -2.95
CA PHE A 22 16.82 -3.70 -2.10
C PHE A 22 16.14 -2.87 -1.04
N ILE A 23 14.83 -3.07 -0.88
CA ILE A 23 14.03 -2.32 0.08
C ILE A 23 13.16 -3.29 0.87
N THR A 24 12.99 -3.01 2.16
CA THR A 24 12.08 -3.77 2.99
C THR A 24 11.25 -2.75 3.74
N VAL A 25 9.94 -2.97 3.82
CA VAL A 25 9.11 -2.23 4.76
C VAL A 25 8.30 -3.25 5.54
N GLY A 26 7.99 -2.94 6.79
CA GLY A 26 7.18 -3.83 7.60
C GLY A 26 5.94 -3.10 8.08
N TYR A 27 4.83 -3.82 8.12
CA TYR A 27 3.55 -3.25 8.54
C TYR A 27 2.95 -4.10 9.61
N VAL A 28 2.30 -3.45 10.59
CA VAL A 28 1.26 -4.08 11.36
C VAL A 28 -0.05 -3.48 10.87
N ASP A 29 -0.96 -4.32 10.38
CA ASP A 29 -2.21 -3.84 9.79
C ASP A 29 -1.91 -2.76 8.75
N ASP A 30 -2.49 -1.57 8.92
CA ASP A 30 -2.30 -0.51 7.94
C ASP A 30 -1.25 0.50 8.37
N THR A 31 -0.37 0.10 9.30
CA THR A 31 0.61 1.02 9.86
C THR A 31 2.03 0.59 9.52
N LEU A 32 2.72 1.37 8.70
CA LEU A 32 4.12 1.10 8.41
C LEU A 32 4.93 1.34 9.68
N PHE A 33 5.80 0.41 10.06
CA PHE A 33 6.56 0.61 11.29
C PHE A 33 8.09 0.52 11.16
N VAL A 34 8.58 0.01 10.04
CA VAL A 34 10.02 -0.13 9.85
C VAL A 34 10.37 -0.13 8.38
N ARG A 35 11.55 0.41 8.04
CA ARG A 35 12.01 0.41 6.66
C ARG A 35 13.52 0.15 6.56
N PHE A 36 13.92 -0.33 5.40
CA PHE A 36 15.33 -0.52 5.06
C PHE A 36 15.48 -0.21 3.59
N ASP A 37 16.54 0.52 3.23
CA ASP A 37 16.80 0.83 1.83
C ASP A 37 18.30 0.70 1.57
N SER A 38 18.69 -0.19 0.66
CA SER A 38 20.12 -0.41 0.39
C SER A 38 20.76 0.82 -0.24
N ASP A 39 19.95 1.71 -0.78
CA ASP A 39 20.45 2.94 -1.39
C ASP A 39 20.60 4.08 -0.39
N ALA A 40 20.32 3.81 0.88
CA ALA A 40 20.42 4.85 1.90
C ALA A 40 21.88 5.18 2.15
N THR A 41 22.16 6.42 2.56
CA THR A 41 23.54 6.84 2.78
C THR A 41 24.25 5.87 3.71
N SER A 42 23.57 5.49 4.79
CA SER A 42 24.06 4.49 5.72
C SER A 42 22.93 3.49 5.99
N PRO A 43 22.86 2.43 5.17
CA PRO A 43 21.69 1.54 5.21
C PRO A 43 21.53 0.89 6.57
N ARG A 44 20.36 1.07 7.16
CA ARG A 44 20.04 0.34 8.36
C ARG A 44 18.53 0.26 8.47
N LYS A 45 18.06 -0.68 9.28
CA LYS A 45 16.64 -0.71 9.62
C LYS A 45 16.34 0.52 10.47
N GLU A 46 15.28 1.23 10.11
CA GLU A 46 14.92 2.47 10.77
C GLU A 46 13.48 2.43 11.26
N PRO A 47 13.19 3.04 12.42
CA PRO A 47 11.82 3.02 12.91
C PRO A 47 10.96 3.98 12.11
N ARG A 48 9.68 3.65 11.95
CA ARG A 48 8.76 4.55 11.27
C ARG A 48 7.47 4.76 12.06
N ALA A 49 7.41 4.17 13.25
CA ALA A 49 6.29 4.41 14.18
C ALA A 49 6.87 4.56 15.59
N PRO A 50 6.27 5.44 16.40
CA PRO A 50 6.87 5.72 17.71
C PRO A 50 6.95 4.50 18.62
N TRP A 51 6.00 3.57 18.54
CA TRP A 51 6.00 2.42 19.43
C TRP A 51 7.09 1.40 19.16
N ILE A 52 7.70 1.43 17.97
CA ILE A 52 8.83 0.53 17.71
C ILE A 52 10.15 1.15 18.18
N GLU A 53 10.16 2.46 18.43
CA GLU A 53 11.40 3.12 18.78
C GLU A 53 11.99 2.64 20.11
N GLN A 54 11.14 2.07 20.95
CA GLN A 54 11.59 1.62 22.26
C GLN A 54 12.37 0.30 22.20
N GLU A 55 12.39 -0.36 21.04
CA GLU A 55 13.24 -1.53 20.91
C GLU A 55 14.71 -1.09 21.01
N GLY A 56 15.52 -1.91 21.67
CA GLY A 56 16.90 -1.57 21.93
C GLY A 56 17.89 -1.76 20.78
N PRO A 57 19.13 -1.32 20.99
CA PRO A 57 20.20 -1.40 19.99
C PRO A 57 20.39 -2.81 19.44
N GLU A 58 20.21 -3.82 20.28
CA GLU A 58 20.37 -5.21 19.84
C GLU A 58 19.34 -5.56 18.78
N TYR A 59 18.09 -5.13 18.99
CA TYR A 59 17.05 -5.29 17.98
C TYR A 59 17.45 -4.68 16.64
N TRP A 60 17.89 -3.42 16.67
CA TRP A 60 18.18 -2.70 15.42
C TRP A 60 19.40 -3.27 14.69
N ASP A 61 20.39 -3.74 15.45
CA ASP A 61 21.55 -4.38 14.86
C ASP A 61 21.15 -5.66 14.16
N ARG A 62 20.37 -6.49 14.84
CA ARG A 62 19.96 -7.77 14.27
C ARG A 62 19.10 -7.57 13.03
N GLU A 63 18.17 -6.62 13.11
CA GLU A 63 17.25 -6.35 12.02
C GLU A 63 18.01 -5.81 10.83
N THR A 64 19.01 -5.00 11.10
CA THR A 64 19.82 -4.45 10.03
C THR A 64 20.65 -5.54 9.36
N GLN A 65 21.26 -6.41 10.15
CA GLN A 65 22.04 -7.50 9.57
C GLN A 65 21.20 -8.40 8.67
N ILE A 66 19.97 -8.66 9.10
CA ILE A 66 19.04 -9.48 8.32
C ILE A 66 18.81 -8.82 6.96
N SER A 67 18.60 -7.51 6.98
CA SER A 67 18.35 -6.77 5.75
C SER A 67 19.58 -6.74 4.87
N LYS A 68 20.76 -6.65 5.48
CA LYS A 68 21.98 -6.63 4.66
C LYS A 68 22.21 -7.97 4.03
N THR A 69 21.97 -9.03 4.79
CA THR A 69 22.04 -10.38 4.26
C THR A 69 21.03 -10.56 3.12
N ASN A 70 19.82 -10.07 3.32
CA ASN A 70 18.80 -10.18 2.27
C ASN A 70 19.17 -9.43 1.00
N THR A 71 19.75 -8.24 1.13
CA THR A 71 20.24 -7.52 -0.03
C THR A 71 21.08 -8.45 -0.93
N GLN A 72 22.01 -9.17 -0.32
CA GLN A 72 22.88 -10.06 -1.07
C GLN A 72 22.11 -11.27 -1.64
N THR A 73 21.23 -11.86 -0.84
CA THR A 73 20.47 -13.04 -1.30
C THR A 73 19.58 -12.70 -2.51
N TYR A 74 18.90 -11.56 -2.43
CA TYR A 74 17.98 -11.12 -3.49
C TYR A 74 18.73 -10.78 -4.77
N ARG A 75 19.91 -10.19 -4.65
CA ARG A 75 20.74 -9.97 -5.84
C ARG A 75 21.11 -11.30 -6.50
N GLU A 76 21.48 -12.27 -5.69
CA GLU A 76 21.77 -13.60 -6.24
C GLU A 76 20.52 -14.24 -6.84
N SER A 77 19.37 -14.06 -6.19
CA SER A 77 18.15 -14.57 -6.76
C SER A 77 17.84 -13.96 -8.14
N LEU A 78 18.04 -12.65 -8.28
CA LEU A 78 17.77 -12.00 -9.57
C LEU A 78 18.67 -12.58 -10.67
N ARG A 79 19.93 -12.80 -10.34
CA ARG A 79 20.84 -13.44 -11.31
C ARG A 79 20.31 -14.80 -11.73
N ASN A 80 19.87 -15.57 -10.75
CA ASN A 80 19.32 -16.89 -11.04
C ASN A 80 18.07 -16.81 -11.90
N LEU A 81 17.18 -15.87 -11.57
CA LEU A 81 15.93 -15.73 -12.31
C LEU A 81 16.16 -15.40 -13.77
N ARG A 82 17.13 -14.54 -14.03
CA ARG A 82 17.45 -14.15 -15.38
C ARG A 82 17.78 -15.41 -16.22
N GLY A 83 18.56 -16.30 -15.65
CA GLY A 83 18.90 -17.55 -16.32
C GLY A 83 17.74 -18.50 -16.45
N TYR A 84 16.90 -18.59 -15.41
CA TYR A 84 15.74 -19.47 -15.44
C TYR A 84 14.80 -19.12 -16.59
N TYR A 85 14.80 -17.86 -16.99
CA TYR A 85 13.92 -17.40 -18.05
C TYR A 85 14.65 -17.08 -19.35
N ASN A 86 15.93 -17.44 -19.43
CA ASN A 86 16.74 -17.19 -20.60
C ASN A 86 16.76 -15.71 -21.01
N GLN A 87 16.74 -14.83 -20.01
CA GLN A 87 16.67 -13.40 -20.26
C GLN A 87 18.06 -12.79 -20.44
N SER A 88 18.12 -11.76 -21.28
CA SER A 88 19.35 -11.03 -21.54
C SER A 88 19.78 -10.21 -20.34
N GLU A 89 21.02 -9.74 -20.34
CA GLU A 89 21.53 -8.96 -19.21
C GLU A 89 21.10 -7.50 -19.32
N ALA A 90 20.38 -7.18 -20.39
CA ALA A 90 20.06 -5.80 -20.74
C ALA A 90 18.92 -5.19 -19.94
N GLY A 91 17.87 -5.96 -19.71
CA GLY A 91 16.66 -5.43 -19.10
C GLY A 91 16.67 -5.32 -17.58
N SER A 92 15.76 -4.51 -17.06
N SER A 92 15.77 -4.50 -17.06
CA SER A 92 15.59 -4.37 -15.61
CA SER A 92 15.55 -4.37 -15.63
C SER A 92 14.45 -5.26 -15.12
C SER A 92 14.53 -5.42 -15.21
N HIS A 93 14.65 -5.89 -13.98
CA HIS A 93 13.70 -6.86 -13.45
C HIS A 93 13.39 -6.60 -11.98
N THR A 94 12.23 -7.08 -11.53
CA THR A 94 11.79 -6.89 -10.15
C THR A 94 11.51 -8.22 -9.48
N LEU A 95 12.02 -8.40 -8.27
CA LEU A 95 11.69 -9.56 -7.47
C LEU A 95 11.05 -9.04 -6.19
N GLN A 96 9.87 -9.56 -5.87
CA GLN A 96 9.14 -9.09 -4.70
C GLN A 96 8.78 -10.26 -3.83
N SER A 97 8.71 -10.02 -2.52
CA SER A 97 8.13 -11.06 -1.67
C SER A 97 7.42 -10.44 -0.51
N MET A 98 6.53 -11.21 0.10
CA MET A 98 5.89 -10.76 1.32
C MET A 98 5.64 -11.97 2.19
N TYR A 99 5.73 -11.77 3.50
CA TYR A 99 5.58 -12.87 4.44
C TYR A 99 5.11 -12.32 5.78
N GLY A 100 4.52 -13.19 6.59
CA GLY A 100 4.10 -12.75 7.90
C GLY A 100 2.85 -13.48 8.31
N CYS A 101 2.26 -13.02 9.40
CA CYS A 101 1.22 -13.80 10.07
C CYS A 101 -0.06 -13.00 10.20
N ASP A 102 -1.19 -13.71 10.17
CA ASP A 102 -2.49 -13.13 10.47
C ASP A 102 -2.96 -13.75 11.79
N LEU A 103 -3.41 -12.94 12.73
CA LEU A 103 -4.02 -13.47 13.95
C LEU A 103 -5.52 -13.29 13.87
N GLY A 104 -6.28 -14.23 14.42
CA GLY A 104 -7.71 -14.02 14.59
C GLY A 104 -7.97 -13.23 15.88
N PRO A 105 -9.25 -12.90 16.13
CA PRO A 105 -9.60 -12.13 17.33
C PRO A 105 -9.09 -12.75 18.64
N ASP A 106 -8.93 -14.07 18.66
CA ASP A 106 -8.45 -14.77 19.85
C ASP A 106 -6.95 -14.58 20.08
N GLY A 107 -6.26 -14.03 19.08
CA GLY A 107 -4.84 -13.75 19.23
C GLY A 107 -3.94 -14.91 18.86
N ARG A 108 -4.54 -15.99 18.34
CA ARG A 108 -3.76 -17.13 17.84
C ARG A 108 -3.52 -17.01 16.33
N LEU A 109 -2.49 -17.70 15.84
CA LEU A 109 -2.18 -17.71 14.40
C LEU A 109 -3.39 -18.21 13.63
N LEU A 110 -3.81 -17.42 12.66
CA LEU A 110 -4.93 -17.78 11.81
C LEU A 110 -4.39 -18.28 10.47
N ARG A 111 -3.34 -17.64 9.98
CA ARG A 111 -2.76 -18.04 8.73
C ARG A 111 -1.37 -17.44 8.56
N GLY A 112 -0.47 -18.17 7.91
CA GLY A 112 0.86 -17.66 7.64
C GLY A 112 1.05 -17.46 6.14
N HIS A 113 2.03 -16.64 5.77
CA HIS A 113 2.28 -16.32 4.37
C HIS A 113 3.78 -16.22 4.10
N ASP A 114 4.20 -16.71 2.94
CA ASP A 114 5.53 -16.44 2.41
C ASP A 114 5.50 -16.67 0.91
N GLN A 115 5.49 -15.59 0.13
CA GLN A 115 5.31 -15.72 -1.30
C GLN A 115 6.07 -14.67 -2.10
N TYR A 116 6.30 -14.98 -3.36
CA TYR A 116 7.22 -14.22 -4.21
C TYR A 116 6.58 -13.95 -5.55
N ALA A 117 6.96 -12.83 -6.16
CA ALA A 117 6.59 -12.54 -7.52
C ALA A 117 7.80 -12.05 -8.32
N TYR A 118 7.83 -12.35 -9.60
CA TYR A 118 8.93 -11.91 -10.47
C TYR A 118 8.34 -11.08 -11.59
N ASP A 119 8.82 -9.86 -11.73
CA ASP A 119 8.27 -8.93 -12.72
C ASP A 119 6.75 -8.79 -12.61
N GLY A 120 6.27 -8.81 -11.37
CA GLY A 120 4.85 -8.61 -11.10
C GLY A 120 3.99 -9.85 -11.26
N LYS A 121 4.63 -10.98 -11.57
CA LYS A 121 3.89 -12.23 -11.75
C LYS A 121 4.15 -13.18 -10.59
N ASP A 122 3.09 -13.75 -10.05
CA ASP A 122 3.25 -14.73 -8.99
C ASP A 122 4.21 -15.83 -9.42
N TYR A 123 5.15 -16.15 -8.53
CA TYR A 123 6.22 -17.06 -8.88
C TYR A 123 6.14 -18.33 -8.01
N ILE A 124 6.14 -18.14 -6.69
CA ILE A 124 6.06 -19.27 -5.78
C ILE A 124 5.47 -18.80 -4.46
N ALA A 125 4.74 -19.69 -3.81
CA ALA A 125 4.07 -19.32 -2.56
C ALA A 125 4.01 -20.51 -1.60
N LEU A 126 4.29 -20.24 -0.34
CA LEU A 126 4.07 -21.22 0.72
C LEU A 126 2.56 -21.47 0.86
N ASN A 127 2.15 -22.74 0.81
CA ASN A 127 0.74 -23.08 0.95
C ASN A 127 0.27 -22.85 2.37
N GLU A 128 -1.05 -22.75 2.54
CA GLU A 128 -1.63 -22.46 3.85
C GLU A 128 -1.18 -23.47 4.92
N ASP A 129 -0.88 -24.70 4.51
CA ASP A 129 -0.42 -25.74 5.46
C ASP A 129 0.97 -25.46 6.04
N LEU A 130 1.68 -24.48 5.49
CA LEU A 130 3.03 -24.16 5.94
C LEU A 130 3.99 -25.32 5.77
N ARG A 131 3.67 -26.25 4.88
CA ARG A 131 4.54 -27.40 4.64
C ARG A 131 4.93 -27.61 3.19
N SER A 132 4.15 -27.04 2.26
CA SER A 132 4.38 -27.29 0.85
C SER A 132 4.31 -26.00 0.03
N TRP A 133 4.78 -26.06 -1.22
CA TRP A 133 4.82 -24.89 -2.09
C TRP A 133 3.94 -25.02 -3.32
N THR A 134 3.46 -23.89 -3.82
CA THR A 134 2.83 -23.83 -5.13
C THR A 134 3.74 -22.99 -6.04
N ALA A 135 4.26 -23.63 -7.09
CA ALA A 135 5.17 -22.99 -8.05
C ALA A 135 4.44 -22.66 -9.35
N ALA A 136 4.64 -21.47 -9.88
CA ALA A 136 3.80 -21.01 -10.98
C ALA A 136 4.14 -21.64 -12.32
N ASP A 137 5.41 -22.03 -12.47
CA ASP A 137 5.91 -22.45 -13.78
C ASP A 137 7.16 -23.28 -13.60
N THR A 138 7.79 -23.70 -14.69
CA THR A 138 8.93 -24.60 -14.61
C THR A 138 10.16 -23.96 -13.97
N ALA A 139 10.25 -22.63 -14.03
CA ALA A 139 11.32 -21.95 -13.34
C ALA A 139 11.11 -22.05 -11.84
N ALA A 140 9.92 -21.71 -11.38
CA ALA A 140 9.64 -21.78 -9.96
C ALA A 140 9.75 -23.21 -9.43
N GLN A 141 9.55 -24.20 -10.31
CA GLN A 141 9.71 -25.59 -9.90
C GLN A 141 11.14 -25.89 -9.47
N ILE A 142 12.09 -25.22 -10.13
CA ILE A 142 13.49 -25.33 -9.75
C ILE A 142 13.67 -24.81 -8.33
N THR A 143 13.22 -23.58 -8.11
CA THR A 143 13.24 -23.00 -6.77
C THR A 143 12.56 -23.93 -5.76
N GLN A 144 11.40 -24.47 -6.12
CA GLN A 144 10.72 -25.37 -5.21
C GLN A 144 11.61 -26.54 -4.80
N ARG A 145 12.31 -27.11 -5.78
CA ARG A 145 13.20 -28.24 -5.51
C ARG A 145 14.33 -27.87 -4.56
N LYS A 146 14.96 -26.72 -4.78
CA LYS A 146 16.01 -26.26 -3.89
C LYS A 146 15.46 -26.03 -2.49
N TRP A 147 14.29 -25.41 -2.40
CA TRP A 147 13.71 -25.09 -1.09
C TRP A 147 13.29 -26.33 -0.31
N GLU A 148 12.83 -27.36 -1.01
CA GLU A 148 12.46 -28.60 -0.34
C GLU A 148 13.68 -29.29 0.23
N ALA A 149 14.79 -29.23 -0.50
CA ALA A 149 16.04 -29.81 0.00
C ALA A 149 16.59 -28.99 1.16
N ALA A 150 16.37 -27.68 1.12
CA ALA A 150 16.89 -26.80 2.15
C ALA A 150 15.97 -26.74 3.37
N ARG A 151 14.82 -27.40 3.29
CA ARG A 151 13.84 -27.39 4.37
C ARG A 151 13.35 -25.98 4.69
N VAL A 152 13.15 -25.17 3.64
CA VAL A 152 12.75 -23.78 3.85
C VAL A 152 11.40 -23.67 4.51
N ALA A 153 10.45 -24.49 4.07
CA ALA A 153 9.10 -24.44 4.62
C ALA A 153 9.11 -24.69 6.13
N GLU A 154 9.92 -25.62 6.59
CA GLU A 154 10.03 -25.90 8.01
C GLU A 154 10.50 -24.67 8.80
N GLN A 155 11.46 -23.95 8.23
CA GLN A 155 11.93 -22.72 8.84
C GLN A 155 10.82 -21.68 8.90
N ASP A 156 10.11 -21.50 7.79
CA ASP A 156 8.97 -20.58 7.77
C ASP A 156 7.94 -20.95 8.82
N ARG A 157 7.56 -22.22 8.85
CA ARG A 157 6.52 -22.65 9.78
C ARG A 157 6.90 -22.29 11.20
N ALA A 158 8.17 -22.55 11.54
CA ALA A 158 8.64 -22.34 12.91
C ALA A 158 8.62 -20.87 13.24
N TYR A 159 9.10 -20.05 12.31
CA TYR A 159 9.06 -18.60 12.47
C TYR A 159 7.62 -18.11 12.56
N LEU A 160 6.79 -18.56 11.63
CA LEU A 160 5.42 -18.08 11.53
C LEU A 160 4.60 -18.41 12.76
N GLU A 161 4.75 -19.62 13.29
CA GLU A 161 4.02 -20.02 14.49
C GLU A 161 4.61 -19.51 15.79
N GLY A 162 5.89 -19.12 15.75
CA GLY A 162 6.57 -18.68 16.96
C GLY A 162 6.84 -17.20 16.97
N THR A 163 8.02 -16.84 16.48
CA THR A 163 8.54 -15.48 16.52
C THR A 163 7.58 -14.45 15.94
N CYS A 164 7.03 -14.74 14.76
CA CYS A 164 6.12 -13.80 14.11
C CYS A 164 4.92 -13.45 15.00
N VAL A 165 4.25 -14.47 15.53
CA VAL A 165 3.10 -14.25 16.38
C VAL A 165 3.47 -13.55 17.71
N GLU A 166 4.56 -13.97 18.33
CA GLU A 166 4.95 -13.40 19.61
C GLU A 166 5.30 -11.91 19.47
N TRP A 167 6.07 -11.58 18.45
CA TRP A 167 6.46 -10.19 18.28
C TRP A 167 5.30 -9.31 17.81
N LEU A 168 4.42 -9.86 16.97
CA LEU A 168 3.24 -9.09 16.58
C LEU A 168 2.44 -8.76 17.84
N ARG A 169 2.26 -9.74 18.71
CA ARG A 169 1.53 -9.54 19.97
CA ARG A 169 1.52 -9.50 19.94
C ARG A 169 2.21 -8.48 20.84
N ARG A 170 3.54 -8.50 20.83
CA ARG A 170 4.33 -7.53 21.57
C ARG A 170 4.13 -6.12 21.00
N TYR A 171 4.18 -6.01 19.67
CA TYR A 171 3.96 -4.75 19.00
C TYR A 171 2.57 -4.19 19.29
N LEU A 172 1.56 -5.06 19.26
CA LEU A 172 0.19 -4.65 19.50
C LEU A 172 0.02 -4.07 20.91
N GLU A 173 0.66 -4.71 21.88
CA GLU A 173 0.65 -4.20 23.25
C GLU A 173 1.38 -2.85 23.33
N ASN A 174 2.59 -2.78 22.78
CA ASN A 174 3.35 -1.54 22.82
C ASN A 174 2.67 -0.38 22.09
N GLY A 175 1.96 -0.69 21.00
CA GLY A 175 1.28 0.34 20.23
C GLY A 175 -0.24 0.32 20.35
N LYS A 176 -0.75 -0.24 21.43
CA LYS A 176 -2.20 -0.45 21.54
C LYS A 176 -3.01 0.84 21.42
N ASP A 177 -2.46 1.96 21.89
CA ASP A 177 -3.17 3.24 21.83
C ASP A 177 -3.55 3.64 20.41
N THR A 178 -2.78 3.17 19.44
CA THR A 178 -3.09 3.42 18.03
C THR A 178 -3.46 2.13 17.29
N LEU A 179 -2.66 1.09 17.46
CA LEU A 179 -2.87 -0.11 16.65
C LEU A 179 -4.21 -0.73 16.94
N GLU A 180 -4.67 -0.61 18.18
CA GLU A 180 -5.95 -1.20 18.59
C GLU A 180 -7.07 -0.19 18.74
N ARG A 181 -6.86 0.99 18.17
CA ARG A 181 -7.87 2.02 18.18
C ARG A 181 -8.41 2.14 16.77
N ALA A 182 -9.69 1.87 16.60
CA ALA A 182 -10.32 2.08 15.30
C ALA A 182 -10.91 3.49 15.27
N ASP A 183 -10.54 4.30 14.28
CA ASP A 183 -11.13 5.63 14.18
C ASP A 183 -12.22 5.62 13.11
N PRO A 184 -13.46 5.97 13.50
CA PRO A 184 -14.60 5.86 12.60
C PRO A 184 -14.54 6.95 11.53
N PRO A 185 -15.24 6.76 10.40
CA PRO A 185 -15.28 7.76 9.34
C PRO A 185 -16.06 9.01 9.76
N LYS A 186 -15.59 10.18 9.37
CA LYS A 186 -16.45 11.36 9.40
C LYS A 186 -17.11 11.40 8.02
N THR A 187 -18.44 11.43 7.99
CA THR A 187 -19.14 11.25 6.73
C THR A 187 -20.04 12.42 6.37
N HIS A 188 -20.27 12.61 5.08
CA HIS A 188 -21.24 13.59 4.61
C HIS A 188 -21.58 13.33 3.15
N VAL A 189 -22.63 13.98 2.67
CA VAL A 189 -23.09 13.78 1.31
C VAL A 189 -23.09 15.13 0.61
N THR A 190 -22.49 15.18 -0.57
CA THR A 190 -22.50 16.40 -1.36
C THR A 190 -23.35 16.20 -2.61
N HIS A 191 -23.80 17.31 -3.20
CA HIS A 191 -24.71 17.27 -4.32
C HIS A 191 -24.18 18.24 -5.38
N HIS A 192 -23.97 17.75 -6.60
CA HIS A 192 -23.45 18.62 -7.67
C HIS A 192 -24.24 18.45 -8.96
N PRO A 193 -25.04 19.45 -9.34
CA PRO A 193 -25.72 19.35 -10.64
C PRO A 193 -24.73 19.07 -11.76
N ILE A 194 -25.13 18.25 -12.72
CA ILE A 194 -24.31 18.02 -13.91
C ILE A 194 -24.97 18.73 -15.08
N SER A 195 -26.28 18.88 -14.99
CA SER A 195 -27.09 19.42 -16.06
C SER A 195 -28.42 19.81 -15.44
N ASP A 196 -29.37 20.32 -16.23
CA ASP A 196 -30.66 20.69 -15.66
C ASP A 196 -31.43 19.49 -15.08
N HIS A 197 -31.10 18.29 -15.55
N HIS A 197 -31.10 18.29 -15.52
CA HIS A 197 -31.92 17.13 -15.26
CA HIS A 197 -31.94 17.16 -15.17
C HIS A 197 -31.26 16.03 -14.41
C HIS A 197 -31.23 15.98 -14.50
N GLU A 198 -29.97 16.17 -14.13
CA GLU A 198 -29.28 15.17 -13.33
C GLU A 198 -28.18 15.79 -12.48
N ALA A 199 -27.88 15.13 -11.38
CA ALA A 199 -26.92 15.63 -10.41
C ALA A 199 -26.11 14.48 -9.83
N THR A 200 -24.94 14.79 -9.31
CA THR A 200 -24.12 13.77 -8.67
C THR A 200 -24.35 13.84 -7.17
N LEU A 201 -24.68 12.69 -6.57
CA LEU A 201 -24.67 12.55 -5.13
C LEU A 201 -23.39 11.83 -4.74
N ARG A 202 -22.58 12.42 -3.87
CA ARG A 202 -21.31 11.81 -3.50
C ARG A 202 -21.26 11.62 -2.01
N CYS A 203 -20.98 10.39 -1.60
CA CYS A 203 -20.94 10.02 -0.19
C CYS A 203 -19.49 9.94 0.26
N TRP A 204 -19.14 10.76 1.26
CA TRP A 204 -17.76 10.89 1.71
C TRP A 204 -17.48 10.17 3.03
N ALA A 205 -16.31 9.56 3.12
CA ALA A 205 -15.82 8.98 4.37
C ALA A 205 -14.39 9.44 4.60
N LEU A 206 -14.13 10.12 5.72
CA LEU A 206 -12.82 10.72 5.94
C LEU A 206 -12.30 10.42 7.34
N GLY A 207 -10.99 10.39 7.48
CA GLY A 207 -10.38 10.29 8.80
C GLY A 207 -10.48 8.93 9.48
N PHE A 208 -10.69 7.87 8.70
CA PHE A 208 -10.89 6.56 9.33
C PHE A 208 -9.64 5.67 9.37
N TYR A 209 -9.62 4.76 10.33
CA TYR A 209 -8.56 3.77 10.47
C TYR A 209 -9.19 2.58 11.18
N PRO A 210 -8.93 1.36 10.72
CA PRO A 210 -8.03 1.02 9.60
C PRO A 210 -8.67 1.31 8.23
N ALA A 211 -7.99 0.91 7.15
CA ALA A 211 -8.43 1.21 5.79
C ALA A 211 -9.74 0.53 5.36
N GLU A 212 -10.00 -0.65 5.90
CA GLU A 212 -11.17 -1.43 5.53
C GLU A 212 -12.46 -0.65 5.74
N ILE A 213 -13.26 -0.52 4.70
CA ILE A 213 -14.52 0.18 4.84
C ILE A 213 -15.46 -0.24 3.73
N THR A 214 -16.75 -0.12 3.98
CA THR A 214 -17.73 -0.38 2.93
C THR A 214 -18.63 0.84 2.74
N LEU A 215 -18.65 1.33 1.50
CA LEU A 215 -19.48 2.47 1.13
C LEU A 215 -20.34 2.07 -0.06
N THR A 216 -21.65 2.18 0.08
CA THR A 216 -22.53 1.81 -1.02
C THR A 216 -23.67 2.81 -1.18
N TRP A 217 -24.23 2.86 -2.38
CA TRP A 217 -25.47 3.62 -2.61
C TRP A 217 -26.62 2.67 -2.86
N GLN A 218 -27.77 2.98 -2.26
CA GLN A 218 -29.01 2.28 -2.56
C GLN A 218 -30.02 3.23 -3.20
N ARG A 219 -30.75 2.73 -4.20
CA ARG A 219 -31.92 3.45 -4.73
C ARG A 219 -33.16 2.63 -4.38
N ASP A 220 -34.09 3.22 -3.64
CA ASP A 220 -35.27 2.51 -3.18
C ASP A 220 -34.88 1.21 -2.47
N GLY A 221 -33.82 1.27 -1.67
CA GLY A 221 -33.35 0.12 -0.91
C GLY A 221 -32.52 -0.90 -1.68
N GLU A 222 -32.39 -0.72 -2.99
CA GLU A 222 -31.65 -1.66 -3.82
C GLU A 222 -30.23 -1.17 -4.13
N ASP A 223 -29.25 -2.07 -3.98
CA ASP A 223 -27.85 -1.74 -4.26
C ASP A 223 -27.57 -1.25 -5.67
N GLN A 224 -26.80 -0.17 -5.77
CA GLN A 224 -26.48 0.42 -7.06
C GLN A 224 -25.06 0.09 -7.52
N THR A 225 -24.68 -1.19 -7.40
CA THR A 225 -23.31 -1.61 -7.70
C THR A 225 -22.76 -1.09 -9.03
N GLN A 226 -23.39 -1.46 -10.14
CA GLN A 226 -22.93 -1.07 -11.46
C GLN A 226 -22.97 0.43 -11.69
N ASP A 227 -23.88 1.12 -11.02
CA ASP A 227 -24.04 2.55 -11.24
C ASP A 227 -23.32 3.42 -10.20
N THR A 228 -22.56 2.78 -9.32
CA THR A 228 -21.80 3.53 -8.33
C THR A 228 -20.35 3.72 -8.77
N GLU A 229 -19.89 4.96 -8.75
CA GLU A 229 -18.49 5.24 -9.00
C GLU A 229 -17.77 5.27 -7.66
N LEU A 230 -16.92 4.27 -7.41
CA LEU A 230 -16.15 4.16 -6.17
C LEU A 230 -14.68 4.45 -6.43
N VAL A 231 -14.09 5.37 -5.67
CA VAL A 231 -12.65 5.56 -5.75
C VAL A 231 -11.93 4.62 -4.78
N GLU A 232 -10.70 4.24 -5.14
CA GLU A 232 -9.85 3.44 -4.27
C GLU A 232 -9.63 4.18 -2.96
N THR A 233 -9.65 3.43 -1.87
CA THR A 233 -9.36 4.00 -0.56
C THR A 233 -7.95 4.59 -0.60
N ARG A 234 -7.80 5.76 0.00
CA ARG A 234 -6.57 6.53 -0.17
C ARG A 234 -6.08 7.09 1.15
N PRO A 235 -4.76 7.14 1.35
CA PRO A 235 -4.26 7.59 2.65
C PRO A 235 -4.27 9.12 2.77
N ALA A 236 -4.68 9.62 3.92
CA ALA A 236 -4.72 11.06 4.17
C ALA A 236 -3.32 11.64 4.43
N GLY A 237 -2.46 10.81 5.03
CA GLY A 237 -1.11 11.23 5.38
C GLY A 237 -0.90 11.42 6.87
N ASP A 238 -1.97 11.27 7.66
CA ASP A 238 -1.91 11.37 9.11
C ASP A 238 -2.30 10.04 9.75
N ARG A 239 -2.04 8.95 9.01
CA ARG A 239 -2.42 7.58 9.38
C ARG A 239 -3.83 7.20 8.94
N THR A 240 -4.69 8.20 8.70
CA THR A 240 -6.09 7.90 8.35
C THR A 240 -6.29 7.75 6.85
N PHE A 241 -7.47 7.28 6.47
CA PHE A 241 -7.80 7.04 5.06
C PHE A 241 -9.08 7.74 4.68
N GLN A 242 -9.28 7.85 3.37
CA GLN A 242 -10.46 8.50 2.78
C GLN A 242 -11.06 7.62 1.69
N LYS A 243 -12.36 7.74 1.49
CA LYS A 243 -13.02 7.09 0.36
C LYS A 243 -14.29 7.85 -0.01
N TRP A 244 -14.67 7.79 -1.28
CA TRP A 244 -16.01 8.25 -1.64
C TRP A 244 -16.70 7.35 -2.67
N ALA A 245 -18.02 7.44 -2.73
CA ALA A 245 -18.85 6.73 -3.70
C ALA A 245 -19.87 7.69 -4.27
N ALA A 246 -20.03 7.68 -5.58
CA ALA A 246 -20.93 8.63 -6.20
C ALA A 246 -21.93 7.93 -7.09
N VAL A 247 -23.13 8.50 -7.19
CA VAL A 247 -24.12 8.05 -8.15
C VAL A 247 -24.69 9.26 -8.85
N VAL A 248 -25.08 9.06 -10.11
CA VAL A 248 -25.75 10.10 -10.88
C VAL A 248 -27.25 9.86 -10.79
N VAL A 249 -27.97 10.88 -10.37
CA VAL A 249 -29.38 10.73 -10.08
C VAL A 249 -30.18 11.77 -10.84
N PRO A 250 -31.39 11.39 -11.25
CA PRO A 250 -32.31 12.34 -11.90
C PRO A 250 -32.69 13.45 -10.94
N SER A 251 -32.71 14.69 -11.44
CA SER A 251 -33.09 15.82 -10.61
C SER A 251 -34.46 15.58 -10.00
N GLY A 252 -34.57 15.80 -8.70
CA GLY A 252 -35.83 15.61 -8.02
C GLY A 252 -36.00 14.25 -7.38
N GLU A 253 -35.15 13.29 -7.76
CA GLU A 253 -35.28 11.94 -7.22
C GLU A 253 -34.26 11.65 -6.10
N GLU A 254 -33.59 12.69 -5.60
CA GLU A 254 -32.54 12.50 -4.60
C GLU A 254 -32.96 11.72 -3.35
N GLN A 255 -34.20 11.92 -2.89
CA GLN A 255 -34.65 11.28 -1.66
C GLN A 255 -34.78 9.76 -1.78
N ARG A 256 -34.71 9.26 -3.01
CA ARG A 256 -34.78 7.82 -3.24
C ARG A 256 -33.44 7.15 -2.92
N TYR A 257 -32.39 7.94 -2.80
CA TYR A 257 -31.05 7.39 -2.66
C TYR A 257 -30.53 7.45 -1.23
N THR A 258 -29.90 6.36 -0.78
CA THR A 258 -29.29 6.35 0.54
C THR A 258 -27.85 5.86 0.49
N CYS A 259 -27.00 6.49 1.27
CA CYS A 259 -25.63 6.03 1.39
C CYS A 259 -25.47 5.18 2.64
N HIS A 260 -24.77 4.06 2.51
CA HIS A 260 -24.58 3.20 3.66
C HIS A 260 -23.10 3.02 3.96
N VAL A 261 -22.73 3.24 5.22
CA VAL A 261 -21.35 3.15 5.65
C VAL A 261 -21.18 2.13 6.77
N GLN A 262 -20.23 1.22 6.59
CA GLN A 262 -19.83 0.33 7.68
C GLN A 262 -18.33 0.33 7.89
N HIS A 263 -17.93 0.38 9.15
CA HIS A 263 -16.52 0.50 9.54
C HIS A 263 -16.36 0.14 11.01
N GLU A 264 -15.27 -0.54 11.31
CA GLU A 264 -14.96 -1.02 12.65
C GLU A 264 -15.10 0.06 13.73
N GLY A 265 -14.78 1.30 13.38
CA GLY A 265 -14.79 2.40 14.35
C GLY A 265 -16.17 2.93 14.72
N LEU A 266 -17.18 2.50 13.99
CA LEU A 266 -18.54 3.01 14.17
C LEU A 266 -19.31 2.20 15.21
N PRO A 267 -19.96 2.90 16.15
CA PRO A 267 -20.90 2.24 17.05
C PRO A 267 -21.86 1.38 16.24
N LYS A 268 -22.58 2.03 15.33
CA LYS A 268 -23.54 1.36 14.46
C LYS A 268 -23.36 1.83 13.02
N PRO A 269 -23.67 0.97 12.05
CA PRO A 269 -23.61 1.34 10.63
C PRO A 269 -24.43 2.59 10.38
N LEU A 270 -24.01 3.41 9.41
CA LEU A 270 -24.68 4.67 9.17
C LEU A 270 -25.52 4.60 7.90
N THR A 271 -26.60 5.37 7.89
CA THR A 271 -27.38 5.59 6.69
C THR A 271 -27.45 7.09 6.48
N LEU A 272 -26.98 7.54 5.31
CA LEU A 272 -26.93 8.95 5.01
C LEU A 272 -27.86 9.26 3.84
N ARG A 273 -28.36 10.49 3.83
CA ARG A 273 -29.14 11.00 2.72
C ARG A 273 -28.67 12.41 2.45
N TRP A 274 -28.91 12.86 1.22
CA TRP A 274 -28.67 14.24 0.84
C TRP A 274 -29.68 15.12 1.59
N ILE B 1 2.64 -7.24 -18.88
CA ILE B 1 3.76 -7.27 -17.97
C ILE B 1 3.92 -5.97 -17.18
N GLN B 2 3.30 -4.89 -17.66
CA GLN B 2 3.41 -3.59 -16.98
C GLN B 2 2.04 -3.01 -16.62
N ARG B 3 1.98 -2.23 -15.54
CA ARG B 3 0.70 -1.70 -15.08
C ARG B 3 0.79 -0.20 -14.89
N THR B 4 -0.17 0.52 -15.46
CA THR B 4 -0.12 1.97 -15.46
C THR B 4 -0.73 2.49 -14.15
N PRO B 5 -0.16 3.58 -13.61
CA PRO B 5 -0.60 4.08 -12.30
C PRO B 5 -1.98 4.70 -12.31
N LYS B 6 -2.73 4.43 -11.25
CA LYS B 6 -3.89 5.23 -10.91
C LYS B 6 -3.42 6.48 -10.19
N ILE B 7 -4.15 7.57 -10.36
CA ILE B 7 -3.75 8.85 -9.77
C ILE B 7 -4.94 9.51 -9.09
N GLN B 8 -4.80 9.86 -7.82
CA GLN B 8 -5.79 10.70 -7.16
C GLN B 8 -5.09 11.90 -6.57
N VAL B 9 -5.70 13.07 -6.74
CA VAL B 9 -5.16 14.28 -6.16
C VAL B 9 -6.20 14.86 -5.22
N TYR B 10 -5.80 15.16 -3.97
CA TYR B 10 -6.75 15.55 -2.94
C TYR B 10 -6.05 16.18 -1.75
N SER B 11 -6.81 16.74 -0.82
CA SER B 11 -6.21 17.32 0.37
C SER B 11 -6.33 16.40 1.58
N ARG B 12 -5.42 16.58 2.54
CA ARG B 12 -5.43 15.79 3.76
C ARG B 12 -6.64 16.12 4.61
N HIS B 13 -6.90 17.41 4.77
CA HIS B 13 -8.08 17.88 5.48
C HIS B 13 -9.04 18.53 4.49
N PRO B 14 -10.32 18.65 4.85
CA PRO B 14 -11.26 19.36 3.99
C PRO B 14 -10.72 20.74 3.61
N ALA B 15 -10.84 21.11 2.35
CA ALA B 15 -10.24 22.35 1.87
C ALA B 15 -10.96 23.60 2.35
N GLU B 16 -10.21 24.52 2.96
CA GLU B 16 -10.75 25.81 3.36
C GLU B 16 -9.74 26.91 3.00
N ASN B 17 -10.11 27.74 2.03
CA ASN B 17 -9.24 28.83 1.59
C ASN B 17 -8.61 29.61 2.73
N GLY B 18 -7.31 29.83 2.64
CA GLY B 18 -6.62 30.59 3.66
C GLY B 18 -6.19 29.74 4.85
N LYS B 19 -6.59 28.48 4.86
CA LYS B 19 -6.21 27.59 5.96
C LYS B 19 -5.16 26.58 5.48
N SER B 20 -4.07 26.48 6.24
CA SER B 20 -2.95 25.63 5.86
C SER B 20 -3.37 24.17 5.89
N ASN B 21 -2.97 23.41 4.86
CA ASN B 21 -3.46 22.06 4.65
C ASN B 21 -2.33 21.24 4.03
N PHE B 22 -2.64 20.05 3.53
CA PHE B 22 -1.66 19.27 2.78
C PHE B 22 -2.24 18.82 1.45
N LEU B 23 -1.50 19.08 0.37
CA LEU B 23 -1.87 18.61 -0.95
C LEU B 23 -1.26 17.23 -1.18
N ASN B 24 -2.10 16.28 -1.57
CA ASN B 24 -1.68 14.90 -1.75
C ASN B 24 -1.84 14.45 -3.18
N CYS B 25 -0.88 13.66 -3.65
CA CYS B 25 -1.06 12.94 -4.89
C CYS B 25 -0.77 11.46 -4.61
N TYR B 26 -1.79 10.63 -4.74
CA TYR B 26 -1.67 9.20 -4.47
C TYR B 26 -1.57 8.47 -5.79
N VAL B 27 -0.44 7.81 -6.02
CA VAL B 27 -0.27 6.97 -7.21
C VAL B 27 -0.22 5.51 -6.79
N SER B 28 -0.94 4.66 -7.51
CA SER B 28 -1.04 3.29 -7.07
C SER B 28 -1.30 2.36 -8.26
N GLY B 29 -1.24 1.07 -7.97
CA GLY B 29 -1.52 0.04 -8.95
C GLY B 29 -0.54 -0.03 -10.09
N PHE B 30 0.67 0.51 -9.92
CA PHE B 30 1.61 0.53 -11.04
C PHE B 30 2.73 -0.50 -10.92
N HIS B 31 3.28 -0.90 -12.07
CA HIS B 31 4.40 -1.83 -12.11
C HIS B 31 5.10 -1.64 -13.45
N PRO B 32 6.43 -1.49 -13.45
CA PRO B 32 7.36 -1.54 -12.32
C PRO B 32 7.30 -0.29 -11.46
N SER B 33 8.16 -0.23 -10.46
CA SER B 33 8.05 0.77 -9.41
C SER B 33 8.64 2.15 -9.75
N ASP B 34 9.50 2.23 -10.75
CA ASP B 34 10.03 3.53 -11.15
C ASP B 34 8.88 4.44 -11.56
N ILE B 35 8.84 5.63 -10.97
CA ILE B 35 7.79 6.58 -11.30
C ILE B 35 8.24 8.03 -11.05
N GLU B 36 7.72 8.94 -11.84
CA GLU B 36 8.06 10.34 -11.70
C GLU B 36 6.80 11.12 -11.38
N VAL B 37 6.80 11.77 -10.23
CA VAL B 37 5.62 12.46 -9.74
C VAL B 37 5.95 13.88 -9.32
N ASP B 38 5.24 14.84 -9.89
CA ASP B 38 5.44 16.23 -9.51
C ASP B 38 4.12 16.83 -9.07
N LEU B 39 4.15 17.65 -8.03
CA LEU B 39 3.01 18.47 -7.67
C LEU B 39 3.17 19.85 -8.32
N LEU B 40 2.09 20.37 -8.90
CA LEU B 40 2.15 21.64 -9.63
C LEU B 40 1.31 22.72 -8.98
N LYS B 41 1.84 23.93 -9.00
CA LYS B 41 1.08 25.11 -8.59
C LYS B 41 1.01 26.07 -9.78
N ASN B 42 -0.20 26.32 -10.26
CA ASN B 42 -0.39 27.12 -11.46
C ASN B 42 0.54 26.69 -12.58
N GLY B 43 0.71 25.37 -12.72
CA GLY B 43 1.49 24.80 -13.78
C GLY B 43 2.99 24.67 -13.53
N GLU B 44 3.46 25.12 -12.37
CA GLU B 44 4.88 25.08 -12.06
C GLU B 44 5.20 24.09 -10.95
N ARG B 45 6.31 23.37 -11.10
CA ARG B 45 6.72 22.34 -10.15
CA ARG B 45 6.72 22.34 -10.15
C ARG B 45 6.97 22.90 -8.75
N ILE B 46 6.30 22.35 -7.76
CA ILE B 46 6.51 22.73 -6.36
C ILE B 46 7.78 22.02 -5.95
N GLU B 47 8.61 22.69 -5.15
N GLU B 47 8.61 22.70 -5.14
CA GLU B 47 9.93 22.17 -4.84
CA GLU B 47 9.94 22.18 -4.84
C GLU B 47 9.98 21.31 -3.58
C GLU B 47 10.03 21.34 -3.57
N LYS B 48 9.25 21.71 -2.55
CA LYS B 48 9.29 20.99 -1.29
C LYS B 48 8.21 19.91 -1.25
N VAL B 49 8.50 18.76 -1.86
CA VAL B 49 7.56 17.65 -1.87
C VAL B 49 8.17 16.40 -1.26
N GLU B 50 7.46 15.80 -0.31
CA GLU B 50 7.92 14.57 0.30
C GLU B 50 7.04 13.43 -0.18
N HIS B 51 7.51 12.20 0.05
CA HIS B 51 6.72 11.02 -0.28
C HIS B 51 6.84 9.93 0.78
N SER B 52 5.79 9.11 0.85
CA SER B 52 5.79 7.95 1.72
C SER B 52 6.81 6.94 1.23
N ASP B 53 7.11 5.93 2.05
CA ASP B 53 8.03 4.89 1.64
C ASP B 53 7.34 3.98 0.65
N LEU B 54 8.02 3.67 -0.44
CA LEU B 54 7.49 2.78 -1.46
C LEU B 54 7.03 1.47 -0.84
N SER B 55 5.79 1.08 -1.11
CA SER B 55 5.26 -0.20 -0.65
C SER B 55 4.49 -0.83 -1.80
N PHE B 56 3.90 -1.99 -1.55
CA PHE B 56 3.08 -2.58 -2.59
C PHE B 56 1.91 -3.38 -2.04
N SER B 57 0.95 -3.63 -2.91
CA SER B 57 -0.31 -4.22 -2.50
C SER B 57 -0.29 -5.74 -2.68
N LYS B 58 -1.35 -6.41 -2.24
CA LYS B 58 -1.41 -7.87 -2.34
C LYS B 58 -1.30 -8.34 -3.79
N ASP B 59 -1.72 -7.50 -4.72
CA ASP B 59 -1.61 -7.86 -6.13
C ASP B 59 -0.24 -7.50 -6.72
N TRP B 60 0.68 -7.13 -5.84
CA TRP B 60 2.08 -6.83 -6.15
C TRP B 60 2.31 -5.44 -6.74
N SER B 61 1.24 -4.71 -7.03
CA SER B 61 1.38 -3.37 -7.59
C SER B 61 1.82 -2.36 -6.52
N PHE B 62 2.61 -1.39 -6.94
CA PHE B 62 3.23 -0.43 -6.03
C PHE B 62 2.31 0.75 -5.77
N TYR B 63 2.54 1.44 -4.65
CA TYR B 63 1.83 2.67 -4.35
C TYR B 63 2.66 3.61 -3.50
N LEU B 64 2.46 4.90 -3.70
CA LEU B 64 3.21 5.98 -3.08
C LEU B 64 2.29 7.16 -2.81
N LEU B 65 2.49 7.85 -1.69
CA LEU B 65 1.83 9.14 -1.47
C LEU B 65 2.85 10.27 -1.57
N TYR B 66 2.62 11.22 -2.48
CA TYR B 66 3.39 12.45 -2.52
C TYR B 66 2.57 13.57 -1.88
N TYR B 67 3.22 14.40 -1.07
CA TYR B 67 2.50 15.42 -0.33
C TYR B 67 3.33 16.67 -0.09
N THR B 68 2.65 17.80 0.06
CA THR B 68 3.30 19.07 0.38
C THR B 68 2.34 19.98 1.12
N GLU B 69 2.85 20.70 2.11
CA GLU B 69 2.06 21.66 2.87
C GLU B 69 1.64 22.81 1.95
N PHE B 70 0.35 23.13 1.93
CA PHE B 70 -0.14 24.23 1.12
C PHE B 70 -1.33 24.93 1.76
N THR B 71 -1.52 26.20 1.40
CA THR B 71 -2.68 26.96 1.84
C THR B 71 -3.51 27.32 0.63
N PRO B 72 -4.63 26.63 0.43
CA PRO B 72 -5.45 26.81 -0.78
C PRO B 72 -6.07 28.19 -0.83
N THR B 73 -6.30 28.68 -2.04
CA THR B 73 -7.02 29.93 -2.26
C THR B 73 -8.01 29.73 -3.39
N GLU B 74 -8.83 30.74 -3.65
CA GLU B 74 -9.87 30.61 -4.67
C GLU B 74 -9.25 30.52 -6.06
N LYS B 75 -8.15 31.25 -6.28
CA LYS B 75 -7.59 31.42 -7.61
C LYS B 75 -6.53 30.38 -7.97
N ASP B 76 -5.68 30.04 -7.00
CA ASP B 76 -4.57 29.12 -7.26
C ASP B 76 -5.04 27.75 -7.75
N GLU B 77 -4.43 27.27 -8.83
CA GLU B 77 -4.75 25.97 -9.41
C GLU B 77 -3.64 24.96 -9.13
N TYR B 78 -4.02 23.81 -8.58
CA TYR B 78 -3.04 22.77 -8.26
C TYR B 78 -3.27 21.51 -9.07
N ALA B 79 -2.21 20.75 -9.29
CA ALA B 79 -2.32 19.50 -10.03
C ALA B 79 -1.20 18.53 -9.64
N CYS B 80 -1.29 17.31 -10.17
CA CYS B 80 -0.25 16.31 -10.04
C CYS B 80 0.17 15.86 -11.43
N ARG B 81 1.47 15.82 -11.68
CA ARG B 81 1.97 15.40 -12.99
C ARG B 81 2.74 14.10 -12.84
N VAL B 82 2.31 13.07 -13.57
CA VAL B 82 2.85 11.72 -13.40
C VAL B 82 3.42 11.14 -14.69
N ASN B 83 4.65 10.64 -14.61
CA ASN B 83 5.20 9.87 -15.71
C ASN B 83 5.62 8.47 -15.25
N HIS B 84 5.44 7.49 -16.14
CA HIS B 84 5.74 6.09 -15.86
C HIS B 84 6.03 5.43 -17.22
N VAL B 85 6.71 4.30 -17.21
CA VAL B 85 7.10 3.68 -18.47
C VAL B 85 5.88 3.35 -19.34
N THR B 86 4.74 3.09 -18.70
CA THR B 86 3.51 2.80 -19.43
C THR B 86 2.90 4.02 -20.12
N LEU B 87 3.42 5.21 -19.83
CA LEU B 87 2.84 6.44 -20.34
C LEU B 87 3.71 7.08 -21.43
N SER B 88 3.11 7.35 -22.59
CA SER B 88 3.84 8.00 -23.68
C SER B 88 4.24 9.41 -23.29
N GLN B 89 3.34 10.12 -22.62
CA GLN B 89 3.67 11.44 -22.09
C GLN B 89 3.05 11.62 -20.70
N PRO B 90 3.63 12.52 -19.90
CA PRO B 90 3.15 12.74 -18.53
C PRO B 90 1.65 12.93 -18.49
N LYS B 91 1.01 12.42 -17.45
CA LYS B 91 -0.42 12.59 -17.28
C LYS B 91 -0.62 13.67 -16.22
N ILE B 92 -1.49 14.63 -16.51
CA ILE B 92 -1.76 15.69 -15.54
C ILE B 92 -3.17 15.52 -14.97
N VAL B 93 -3.27 15.51 -13.63
CA VAL B 93 -4.56 15.42 -12.96
C VAL B 93 -4.72 16.63 -12.06
N LYS B 94 -5.77 17.40 -12.31
CA LYS B 94 -6.02 18.62 -11.54
C LYS B 94 -6.66 18.30 -10.19
N TRP B 95 -6.27 19.07 -9.17
CA TRP B 95 -6.93 19.01 -7.88
C TRP B 95 -8.33 19.62 -7.94
N ASP B 96 -9.32 18.80 -7.62
CA ASP B 96 -10.70 19.22 -7.61
C ASP B 96 -11.18 18.93 -6.20
N ARG B 97 -11.50 19.98 -5.44
CA ARG B 97 -11.79 19.80 -4.03
C ARG B 97 -13.06 18.98 -3.77
N ASP B 98 -13.84 18.73 -4.82
CA ASP B 98 -15.03 17.86 -4.72
C ASP B 98 -14.73 16.41 -5.10
N MET B 99 -13.45 16.09 -5.29
CA MET B 99 -13.09 14.71 -5.61
CA MET B 99 -13.02 14.75 -5.69
C MET B 99 -11.96 14.17 -4.74
N HIS C 1 9.35 -8.45 14.18
CA HIS C 1 10.70 -8.98 14.11
C HIS C 1 10.82 -9.87 12.86
N GLU C 2 11.80 -9.61 12.00
CA GLU C 2 11.93 -10.39 10.76
C GLU C 2 12.37 -11.83 11.01
N GLU C 3 12.16 -12.68 10.01
CA GLU C 3 12.69 -14.05 10.05
C GLU C 3 14.19 -14.01 9.76
N ALA C 4 14.96 -14.79 10.52
CA ALA C 4 16.40 -14.87 10.30
C ALA C 4 16.69 -15.80 9.13
N VAL C 5 16.58 -15.30 7.91
CA VAL C 5 16.77 -16.13 6.72
C VAL C 5 18.24 -16.10 6.26
N SER C 6 18.63 -17.08 5.46
CA SER C 6 19.99 -17.12 4.93
C SER C 6 20.01 -17.41 3.43
N VAL C 7 21.20 -17.65 2.90
CA VAL C 7 21.37 -17.84 1.46
C VAL C 7 20.83 -19.19 0.97
N ASP C 8 20.50 -20.07 1.90
CA ASP C 8 19.89 -21.34 1.54
C ASP C 8 18.50 -21.17 0.94
N ARG C 9 17.93 -19.96 1.06
CA ARG C 9 16.66 -19.69 0.37
C ARG C 9 16.81 -18.70 -0.80
N VAL C 10 17.98 -18.70 -1.43
CA VAL C 10 18.13 -18.03 -2.70
C VAL C 10 17.19 -18.75 -3.66
N LEU C 11 16.56 -18.04 -4.58
CA LEU C 11 15.66 -18.68 -5.53
C LEU C 11 16.40 -19.58 -6.53
#